data_7TW9
#
_entry.id   7TW9
#
_cell.length_a   109.028
_cell.length_b   109.028
_cell.length_c   48.641
_cell.angle_alpha   90.000
_cell.angle_beta   90.000
_cell.angle_gamma   120.000
#
_symmetry.space_group_name_H-M   'P 65'
#
loop_
_entity.id
_entity.type
_entity.pdbx_description
1 polymer 'Transcription factor ETV6,Proofreading exoribonuclease nsp14 chimera'
2 non-polymer SINEFUNGIN
3 non-polymer 'ZINC ION'
4 non-polymer DI(HYDROXYETHYL)ETHER
5 non-polymer ETHANOL
6 non-polymer METHANOL
7 water water
#
_entity_poly.entity_id   1
_entity_poly.type   'polypeptide(L)'
_entity_poly.pdbx_seq_one_letter_code
;GSIALPAHLRLQPIYWSRDDVAQWLKWAENEFSLRPIDSNTFEMNGKALLLLTKEDFRYRSPHSGDELYELLQHILAQPA
AGDELKINAACRKVQHMVVKAALLADKFPVLHDIGNPKAIKCVPQADVEWKFYDAQPCSDKAYKIEELFYSYATHSDKFT
DGVCLFWNCNVDRYPANSIVCRFDTRVLSNLNLPGCDGGSLYVNKHAFHTPAFDKSAFVNLKQLPFFYYSDSPCESHGKQ
VVSDIDYVPLKSATCITRCNLGGAVCRHHANEYRLYLDAYNMMISAGFSLWVYKQFDTYNLWNTFTRLQ
;
_entity_poly.pdbx_strand_id   A
#
loop_
_chem_comp.id
_chem_comp.type
_chem_comp.name
_chem_comp.formula
EOH non-polymer ETHANOL 'C2 H6 O'
MOH non-polymer METHANOL 'C H4 O'
PEG non-polymer DI(HYDROXYETHYL)ETHER 'C4 H10 O3'
SFG non-polymer SINEFUNGIN 'C15 H23 N7 O5'
ZN non-polymer 'ZINC ION' 'Zn 2'
#
# COMPACT_ATOMS: atom_id res chain seq x y z
N LEU A 5 -4.75 21.71 2.31
CA LEU A 5 -4.61 20.84 1.14
C LEU A 5 -5.41 19.55 1.31
N PRO A 6 -6.29 19.24 0.33
CA PRO A 6 -6.98 17.93 0.36
C PRO A 6 -6.03 16.77 0.50
N ALA A 7 -6.53 15.64 1.01
CA ALA A 7 -5.68 14.53 1.38
C ALA A 7 -4.88 14.03 0.18
N HIS A 8 -5.54 13.85 -0.97
CA HIS A 8 -4.84 13.30 -2.14
C HIS A 8 -3.71 14.20 -2.59
N LEU A 9 -3.83 15.52 -2.37
CA LEU A 9 -2.80 16.45 -2.79
C LEU A 9 -1.56 16.38 -1.90
N ARG A 10 -1.65 15.74 -0.74
CA ARG A 10 -0.48 15.43 0.06
C ARG A 10 0.31 14.25 -0.49
N LEU A 11 -0.24 13.49 -1.44
CA LEU A 11 0.51 12.47 -2.15
C LEU A 11 1.45 13.13 -3.16
N GLN A 12 2.54 12.44 -3.48
CA GLN A 12 3.40 12.91 -4.55
C GLN A 12 2.56 13.06 -5.81
N PRO A 13 2.80 14.10 -6.61
CA PRO A 13 1.92 14.35 -7.77
C PRO A 13 1.80 13.19 -8.73
N ILE A 14 2.83 12.33 -8.82
CA ILE A 14 2.75 11.18 -9.71
C ILE A 14 1.57 10.29 -9.38
N TYR A 15 1.00 10.42 -8.19
CA TYR A 15 -0.14 9.60 -7.78
C TYR A 15 -1.47 10.31 -7.94
N TRP A 16 -1.49 11.57 -8.35
CA TRP A 16 -2.74 12.29 -8.43
C TRP A 16 -3.55 11.78 -9.59
N SER A 17 -4.85 11.58 -9.34
CA SER A 17 -5.80 11.25 -10.39
C SER A 17 -6.20 12.49 -11.18
N ARG A 18 -6.95 12.27 -12.27
CA ARG A 18 -7.46 13.40 -13.03
C ARG A 18 -8.32 14.30 -12.16
N ASP A 19 -9.05 13.71 -11.20
CA ASP A 19 -9.86 14.52 -10.31
CA ASP A 19 -9.86 14.52 -10.30
C ASP A 19 -8.99 15.30 -9.32
N ASP A 20 -7.89 14.71 -8.87
CA ASP A 20 -7.00 15.39 -7.94
C ASP A 20 -6.39 16.64 -8.58
N VAL A 21 -6.10 16.58 -9.89
CA VAL A 21 -5.51 17.73 -10.56
C VAL A 21 -6.49 18.90 -10.59
N ALA A 22 -7.78 18.61 -10.81
CA ALA A 22 -8.78 19.67 -10.85
C ALA A 22 -8.99 20.30 -9.48
N GLN A 23 -8.88 19.51 -8.40
CA GLN A 23 -8.94 20.09 -7.06
C GLN A 23 -7.67 20.87 -6.74
N TRP A 24 -6.53 20.47 -7.32
CA TRP A 24 -5.31 21.26 -7.18
C TRP A 24 -5.48 22.62 -7.85
N LEU A 25 -6.09 22.66 -9.03
CA LEU A 25 -6.41 23.94 -9.67
C LEU A 25 -7.29 24.80 -8.78
N LYS A 26 -8.33 24.20 -8.19
CA LYS A 26 -9.24 24.96 -7.35
C LYS A 26 -8.56 25.47 -6.08
N TRP A 27 -7.74 24.62 -5.45
CA TRP A 27 -7.03 25.05 -4.25
C TRP A 27 -6.10 26.20 -4.57
N ALA A 28 -5.37 26.11 -5.68
CA ALA A 28 -4.40 27.14 -6.03
C ALA A 28 -5.08 28.45 -6.39
N GLU A 29 -6.24 28.39 -7.03
CA GLU A 29 -6.97 29.61 -7.36
C GLU A 29 -7.24 30.43 -6.11
N ASN A 30 -7.64 29.78 -5.03
CA ASN A 30 -7.98 30.51 -3.81
C ASN A 30 -6.73 30.88 -3.02
N GLU A 31 -5.77 29.96 -2.92
CA GLU A 31 -4.57 30.25 -2.14
C GLU A 31 -3.77 31.40 -2.75
N PHE A 32 -3.76 31.53 -4.06
CA PHE A 32 -2.94 32.53 -4.74
C PHE A 32 -3.76 33.60 -5.45
N SER A 33 -5.08 33.59 -5.28
CA SER A 33 -5.95 34.64 -5.82
C SER A 33 -5.85 34.74 -7.33
N LEU A 34 -5.88 33.60 -8.00
CA LEU A 34 -5.69 33.57 -9.44
C LEU A 34 -7.03 33.71 -10.15
N ARG A 35 -6.97 34.04 -11.42
CA ARG A 35 -8.18 34.09 -12.22
C ARG A 35 -8.77 32.70 -12.30
N PRO A 36 -10.07 32.53 -12.06
CA PRO A 36 -10.67 31.19 -12.18
C PRO A 36 -10.42 30.59 -13.56
N ILE A 37 -9.94 29.35 -13.58
CA ILE A 37 -9.74 28.61 -14.82
C ILE A 37 -10.74 27.46 -14.82
N ASP A 38 -11.16 27.08 -16.03
CA ASP A 38 -12.12 25.99 -16.17
C ASP A 38 -11.51 24.69 -15.65
N SER A 39 -12.32 23.93 -14.91
CA SER A 39 -11.81 22.73 -14.25
C SER A 39 -11.21 21.75 -15.26
N ASN A 40 -11.64 21.80 -16.52
CA ASN A 40 -11.13 20.92 -17.56
C ASN A 40 -9.98 21.54 -18.34
N THR A 41 -9.23 22.46 -17.71
CA THR A 41 -8.10 23.07 -18.40
C THR A 41 -6.89 22.15 -18.45
N PHE A 42 -6.79 21.22 -17.49
CA PHE A 42 -5.72 20.22 -17.45
C PHE A 42 -6.38 18.83 -17.31
N GLU A 43 -7.03 18.38 -18.38
CA GLU A 43 -7.76 17.10 -18.38
C GLU A 43 -6.75 15.97 -18.50
N MET A 44 -6.14 15.63 -17.37
CA MET A 44 -5.15 14.57 -17.29
C MET A 44 -4.87 14.28 -15.83
N ASN A 45 -4.21 13.15 -15.57
CA ASN A 45 -3.78 12.80 -14.22
C ASN A 45 -2.38 13.36 -13.94
N GLY A 46 -1.91 13.13 -12.73
CA GLY A 46 -0.65 13.76 -12.31
C GLY A 46 0.54 13.24 -13.09
N LYS A 47 0.53 11.96 -13.45
CA LYS A 47 1.59 11.40 -14.26
C LYS A 47 1.76 12.22 -15.54
N ALA A 48 0.64 12.55 -16.19
CA ALA A 48 0.72 13.30 -17.43
C ALA A 48 1.12 14.74 -17.18
N LEU A 49 0.55 15.35 -16.13
CA LEU A 49 0.88 16.72 -15.80
C LEU A 49 2.37 16.92 -15.65
N LEU A 50 3.08 15.90 -15.13
CA LEU A 50 4.52 16.01 -14.96
C LEU A 50 5.29 15.96 -16.28
N LEU A 51 4.64 15.62 -17.39
CA LEU A 51 5.32 15.58 -18.69
C LEU A 51 5.21 16.89 -19.46
N LEU A 52 4.30 17.77 -19.07
CA LEU A 52 4.15 19.05 -19.76
C LEU A 52 5.33 19.97 -19.48
N THR A 53 5.65 20.81 -20.45
CA THR A 53 6.63 21.85 -20.31
C THR A 53 5.96 23.09 -19.71
N LYS A 54 6.79 24.03 -19.25
CA LYS A 54 6.23 25.29 -18.74
C LYS A 54 5.48 26.02 -19.83
N GLU A 55 5.99 25.98 -21.06
CA GLU A 55 5.27 26.60 -22.17
C GLU A 55 3.88 26.00 -22.32
N ASP A 56 3.75 24.68 -22.14
CA ASP A 56 2.43 24.06 -22.22
C ASP A 56 1.51 24.63 -21.16
N PHE A 57 2.03 24.80 -19.95
CA PHE A 57 1.26 25.43 -18.89
C PHE A 57 0.80 26.82 -19.30
N ARG A 58 1.70 27.60 -19.88
CA ARG A 58 1.33 28.96 -20.28
C ARG A 58 0.29 28.98 -21.40
N TYR A 59 0.36 28.02 -22.33
CA TYR A 59 -0.63 28.01 -23.39
C TYR A 59 -2.01 27.59 -22.88
N ARG A 60 -2.06 26.63 -21.96
CA ARG A 60 -3.34 26.16 -21.45
C ARG A 60 -3.98 27.16 -20.49
N SER A 61 -3.19 27.97 -19.80
CA SER A 61 -3.71 29.01 -18.90
C SER A 61 -2.85 30.25 -19.05
N PRO A 62 -3.19 31.13 -19.99
CA PRO A 62 -2.37 32.34 -20.17
C PRO A 62 -2.27 33.20 -18.91
N HIS A 63 -3.28 33.16 -18.06
CA HIS A 63 -3.32 34.05 -16.90
C HIS A 63 -2.67 33.46 -15.66
N SER A 64 -2.45 32.15 -15.61
CA SER A 64 -1.89 31.57 -14.40
C SER A 64 -1.00 30.37 -14.65
N GLY A 65 -0.78 29.96 -15.90
CA GLY A 65 -0.01 28.75 -16.15
C GLY A 65 1.37 28.76 -15.53
N ASP A 66 2.09 29.88 -15.65
CA ASP A 66 3.43 29.93 -15.12
C ASP A 66 3.45 29.75 -13.60
N GLU A 67 2.52 30.40 -12.90
CA GLU A 67 2.39 30.21 -11.46
C GLU A 67 2.14 28.75 -11.13
N LEU A 68 1.20 28.11 -11.83
CA LEU A 68 0.89 26.73 -11.55
C LEU A 68 2.10 25.83 -11.80
N TYR A 69 2.84 26.09 -12.87
CA TYR A 69 4.04 25.31 -13.14
C TYR A 69 5.03 25.43 -12.00
N GLU A 70 5.29 26.66 -11.56
CA GLU A 70 6.27 26.86 -10.50
C GLU A 70 5.77 26.29 -9.17
N LEU A 71 4.48 26.43 -8.91
CA LEU A 71 3.89 25.81 -7.73
C LEU A 71 4.14 24.31 -7.73
N LEU A 72 3.95 23.66 -8.88
CA LEU A 72 4.19 22.23 -8.95
C LEU A 72 5.66 21.91 -8.68
N GLN A 73 6.59 22.75 -9.18
CA GLN A 73 8.00 22.48 -8.92
C GLN A 73 8.30 22.60 -7.42
N HIS A 74 7.67 23.56 -6.74
CA HIS A 74 7.87 23.69 -5.31
C HIS A 74 7.31 22.47 -4.58
N ILE A 75 6.10 22.06 -4.95
CA ILE A 75 5.52 20.85 -4.37
C ILE A 75 6.43 19.66 -4.62
N LEU A 76 7.07 19.63 -5.79
CA LEU A 76 7.95 18.51 -6.12
C LEU A 76 9.27 18.59 -5.38
N ALA A 77 9.74 19.81 -5.08
CA ALA A 77 11.01 19.95 -4.36
C ALA A 77 10.84 19.70 -2.86
N GLN A 78 9.78 20.22 -2.26
CA GLN A 78 9.51 20.08 -0.84
C GLN A 78 8.20 19.32 -0.67
N PRO A 79 8.23 17.99 -0.73
CA PRO A 79 7.01 17.22 -0.56
C PRO A 79 6.33 17.54 0.78
N ALA A 80 5.00 17.64 0.74
CA ALA A 80 4.25 17.96 1.94
C ALA A 80 4.28 16.78 2.91
N ALA A 81 4.38 17.09 4.20
CA ALA A 81 4.38 16.05 5.22
C ALA A 81 3.01 15.38 5.27
N GLY A 82 3.03 14.10 5.65
CA GLY A 82 1.81 13.33 5.78
C GLY A 82 1.33 13.24 7.22
N ASP A 83 0.10 12.77 7.38
CA ASP A 83 -0.53 12.63 8.69
C ASP A 83 -0.26 11.23 9.21
N GLU A 84 0.41 11.15 10.37
CA GLU A 84 0.83 9.85 10.87
C GLU A 84 -0.35 8.91 11.07
N LEU A 85 -1.45 9.41 11.64
CA LEU A 85 -2.60 8.55 11.87
C LEU A 85 -3.16 7.99 10.57
N LYS A 86 -3.26 8.83 9.54
CA LYS A 86 -3.74 8.33 8.25
C LYS A 86 -2.74 7.34 7.64
N ILE A 87 -1.45 7.65 7.70
CA ILE A 87 -0.46 6.74 7.13
C ILE A 87 -0.43 5.44 7.91
N ASN A 88 -0.41 5.54 9.24
CA ASN A 88 -0.45 4.32 10.05
C ASN A 88 -1.68 3.49 9.69
N ALA A 89 -2.83 4.14 9.57
CA ALA A 89 -4.05 3.42 9.24
C ALA A 89 -3.98 2.79 7.86
N ALA A 90 -3.44 3.53 6.87
CA ALA A 90 -3.30 2.96 5.54
C ALA A 90 -2.42 1.71 5.57
N CYS A 91 -1.29 1.78 6.29
N CYS A 91 -1.32 1.75 6.34
CA CYS A 91 -0.40 0.62 6.36
CA CYS A 91 -0.38 0.64 6.38
C CYS A 91 -1.13 -0.58 6.92
C CYS A 91 -0.98 -0.59 7.03
N ARG A 92 -1.85 -0.41 8.02
CA ARG A 92 -2.54 -1.54 8.64
C ARG A 92 -3.59 -2.15 7.73
N LYS A 93 -4.23 -1.34 6.88
CA LYS A 93 -5.16 -1.88 5.88
CA LYS A 93 -5.15 -1.88 5.88
C LYS A 93 -4.41 -2.77 4.88
N VAL A 94 -3.23 -2.34 4.46
CA VAL A 94 -2.44 -3.12 3.52
C VAL A 94 -1.94 -4.39 4.17
N GLN A 95 -1.46 -4.30 5.42
CA GLN A 95 -0.98 -5.47 6.13
C GLN A 95 -2.05 -6.55 6.18
N HIS A 96 -3.27 -6.18 6.58
CA HIS A 96 -4.33 -7.18 6.69
C HIS A 96 -4.62 -7.82 5.35
N MET A 97 -4.77 -7.00 4.30
CA MET A 97 -4.99 -7.51 2.95
C MET A 97 -3.95 -8.52 2.53
N VAL A 98 -2.68 -8.12 2.60
CA VAL A 98 -1.60 -8.94 2.07
C VAL A 98 -1.46 -10.23 2.87
N VAL A 99 -1.46 -10.14 4.18
CA VAL A 99 -1.26 -11.34 4.98
C VAL A 99 -2.45 -12.28 4.85
N LYS A 100 -3.65 -11.75 4.83
CA LYS A 100 -4.83 -12.57 4.62
C LYS A 100 -4.72 -13.35 3.32
N ALA A 101 -4.30 -12.68 2.24
CA ALA A 101 -4.21 -13.31 0.93
C ALA A 101 -3.16 -14.39 0.92
N ALA A 102 -2.00 -14.10 1.50
CA ALA A 102 -0.93 -15.11 1.56
C ALA A 102 -1.41 -16.37 2.29
N LEU A 103 -2.08 -16.19 3.42
CA LEU A 103 -2.55 -17.36 4.17
C LEU A 103 -3.60 -18.15 3.40
N LEU A 104 -4.47 -17.45 2.68
CA LEU A 104 -5.46 -18.16 1.88
C LEU A 104 -4.83 -18.87 0.69
N ALA A 105 -3.84 -18.24 0.07
CA ALA A 105 -3.28 -18.76 -1.17
C ALA A 105 -2.42 -19.99 -0.90
N ASP A 106 -1.63 -19.98 0.18
CA ASP A 106 -0.63 -20.99 0.43
C ASP A 106 -0.87 -21.82 1.67
N LYS A 107 -1.82 -21.45 2.51
CA LYS A 107 -2.30 -22.31 3.58
C LYS A 107 -1.19 -22.70 4.54
N PHE A 108 -0.33 -21.73 4.87
CA PHE A 108 0.73 -21.98 5.82
C PHE A 108 0.13 -22.43 7.15
N PRO A 109 0.72 -23.45 7.80
CA PRO A 109 0.18 -23.89 9.11
C PRO A 109 0.64 -23.05 10.27
N VAL A 110 1.73 -22.28 10.11
N VAL A 110 1.74 -22.30 10.13
CA VAL A 110 2.27 -21.43 11.17
CA VAL A 110 2.23 -21.42 11.18
C VAL A 110 2.67 -20.11 10.54
C VAL A 110 2.67 -20.10 10.55
N LEU A 111 2.48 -19.02 11.30
CA LEU A 111 2.98 -17.69 10.95
C LEU A 111 3.88 -17.22 12.09
N HIS A 112 5.09 -16.81 11.74
CA HIS A 112 6.10 -16.35 12.71
C HIS A 112 6.17 -14.84 12.57
N ASP A 113 5.58 -14.12 13.51
CA ASP A 113 5.42 -12.67 13.43
C ASP A 113 6.60 -12.03 14.14
N ILE A 114 7.61 -11.58 13.38
CA ILE A 114 8.87 -11.13 13.92
C ILE A 114 8.91 -9.61 13.93
N GLY A 115 9.05 -9.06 15.13
CA GLY A 115 8.96 -7.62 15.31
C GLY A 115 7.60 -7.13 15.70
N ASN A 116 6.82 -7.93 16.43
CA ASN A 116 5.47 -7.60 16.84
C ASN A 116 5.50 -7.55 18.35
N PRO A 117 5.59 -6.35 18.95
CA PRO A 117 5.73 -6.25 20.40
C PRO A 117 4.43 -6.24 21.16
N LYS A 118 3.27 -6.25 20.48
CA LYS A 118 1.97 -6.17 21.13
C LYS A 118 1.14 -7.42 20.99
N ALA A 119 1.65 -8.45 20.31
CA ALA A 119 0.96 -9.73 20.20
C ALA A 119 -0.45 -9.56 19.62
N ILE A 120 -0.54 -8.69 18.61
N ILE A 120 -0.54 -8.72 18.58
CA ILE A 120 -1.77 -8.44 17.89
CA ILE A 120 -1.81 -8.44 17.91
C ILE A 120 -1.68 -9.14 16.55
C ILE A 120 -1.73 -9.06 16.51
N LYS A 121 -2.70 -9.93 16.20
CA LYS A 121 -2.75 -10.59 14.91
C LYS A 121 -3.36 -9.64 13.89
N CYS A 122 -2.70 -9.48 12.72
CA CYS A 122 -3.27 -8.67 11.66
CA CYS A 122 -3.27 -8.67 11.66
C CYS A 122 -4.37 -9.40 10.90
N VAL A 123 -4.46 -10.72 11.02
CA VAL A 123 -5.53 -11.51 10.42
C VAL A 123 -6.09 -12.45 11.49
N PRO A 124 -6.85 -11.95 12.46
CA PRO A 124 -7.28 -12.79 13.59
C PRO A 124 -8.16 -13.99 13.23
N GLN A 125 -8.80 -14.02 12.06
CA GLN A 125 -9.74 -15.07 11.70
C GLN A 125 -9.12 -16.13 10.80
N ALA A 126 -7.81 -16.05 10.54
CA ALA A 126 -7.19 -17.06 9.70
C ALA A 126 -6.99 -18.34 10.50
N ASP A 127 -7.03 -19.47 9.78
CA ASP A 127 -6.74 -20.78 10.37
C ASP A 127 -5.23 -20.99 10.28
N VAL A 128 -4.54 -20.63 11.36
CA VAL A 128 -3.08 -20.69 11.40
C VAL A 128 -2.63 -20.51 12.84
N GLU A 129 -1.56 -21.21 13.23
CA GLU A 129 -0.93 -20.99 14.52
C GLU A 129 -0.06 -19.73 14.44
N TRP A 130 -0.43 -18.70 15.20
CA TRP A 130 0.27 -17.42 15.17
C TRP A 130 1.30 -17.38 16.30
N LYS A 131 2.56 -17.11 15.94
CA LYS A 131 3.66 -17.01 16.91
C LYS A 131 4.30 -15.65 16.81
N PHE A 132 4.56 -15.04 17.99
CA PHE A 132 5.08 -13.67 18.05
C PHE A 132 6.49 -13.65 18.61
N TYR A 133 7.33 -12.75 18.07
CA TYR A 133 8.68 -12.57 18.52
C TYR A 133 9.01 -11.08 18.47
N ASP A 134 9.82 -10.61 19.40
CA ASP A 134 10.29 -9.22 19.35
C ASP A 134 11.51 -9.05 20.25
N ALA A 135 12.44 -8.18 19.83
CA ALA A 135 13.62 -7.93 20.65
C ALA A 135 13.30 -7.19 21.94
N GLN A 136 12.23 -6.40 21.97
CA GLN A 136 11.82 -5.65 23.15
C GLN A 136 10.31 -5.66 23.27
N PRO A 137 9.73 -6.78 23.70
CA PRO A 137 8.27 -6.86 23.79
C PRO A 137 7.72 -5.87 24.80
N CYS A 138 6.54 -5.32 24.48
CA CYS A 138 5.81 -4.50 25.44
C CYS A 138 5.62 -5.30 26.71
N SER A 139 5.86 -4.66 27.85
CA SER A 139 5.84 -5.42 29.10
C SER A 139 4.49 -6.07 29.38
N ASP A 140 3.41 -5.49 28.86
CA ASP A 140 2.07 -6.04 29.08
C ASP A 140 1.72 -7.17 28.11
N LYS A 141 2.58 -7.49 27.15
CA LYS A 141 2.35 -8.59 26.22
C LYS A 141 3.52 -9.58 26.18
N ALA A 142 4.61 -9.35 26.93
CA ALA A 142 5.79 -10.21 26.87
C ALA A 142 5.48 -11.63 27.30
N TYR A 143 4.42 -11.83 28.08
CA TYR A 143 4.07 -13.19 28.51
C TYR A 143 3.70 -14.09 27.34
N LYS A 144 3.37 -13.55 26.17
CA LYS A 144 3.07 -14.37 24.99
C LYS A 144 3.92 -13.99 23.79
N ILE A 145 5.07 -13.37 24.02
CA ILE A 145 5.98 -12.98 22.95
C ILE A 145 7.36 -13.54 23.31
N GLU A 146 8.01 -14.19 22.34
CA GLU A 146 9.35 -14.70 22.52
C GLU A 146 10.32 -13.54 22.37
N GLU A 147 11.16 -13.32 23.38
CA GLU A 147 12.15 -12.25 23.33
C GLU A 147 13.30 -12.69 22.44
N LEU A 148 13.43 -12.09 21.27
CA LEU A 148 14.38 -12.57 20.27
C LEU A 148 14.76 -11.44 19.33
N PHE A 149 16.06 -11.33 19.06
CA PHE A 149 16.58 -10.40 18.05
C PHE A 149 16.95 -11.23 16.83
N TYR A 150 16.22 -11.04 15.75
CA TYR A 150 16.40 -11.86 14.55
C TYR A 150 17.58 -11.37 13.75
N SER A 151 18.46 -12.29 13.40
CA SER A 151 19.51 -12.01 12.45
C SER A 151 19.57 -13.23 11.54
N TYR A 152 19.71 -12.99 10.25
CA TYR A 152 19.79 -14.10 9.30
C TYR A 152 20.96 -14.99 9.62
N ALA A 153 22.09 -14.40 9.97
CA ALA A 153 23.29 -15.17 10.27
C ALA A 153 23.10 -16.10 11.46
N THR A 154 22.17 -15.81 12.35
CA THR A 154 21.94 -16.65 13.52
CA THR A 154 21.94 -16.65 13.52
C THR A 154 20.71 -17.55 13.38
N HIS A 155 19.73 -17.15 12.59
CA HIS A 155 18.43 -17.82 12.55
C HIS A 155 18.01 -18.34 11.18
N SER A 156 18.89 -18.30 10.18
CA SER A 156 18.46 -18.68 8.86
C SER A 156 17.99 -20.13 8.81
N ASP A 157 18.41 -20.93 9.78
CA ASP A 157 18.00 -22.33 9.83
CA ASP A 157 18.02 -22.33 9.86
C ASP A 157 16.78 -22.54 10.72
N LYS A 158 16.18 -21.47 11.23
CA LYS A 158 15.01 -21.54 12.09
C LYS A 158 13.80 -20.98 11.36
N PHE A 159 12.63 -21.17 11.96
CA PHE A 159 11.37 -20.68 11.41
C PHE A 159 11.16 -21.13 9.96
N THR A 160 11.54 -22.37 9.66
CA THR A 160 11.48 -22.87 8.30
C THR A 160 10.09 -23.40 7.94
N ASP A 161 9.23 -23.63 8.92
CA ASP A 161 7.86 -24.02 8.67
C ASP A 161 6.99 -22.78 8.57
N GLY A 162 5.92 -22.88 7.79
CA GLY A 162 5.01 -21.77 7.64
C GLY A 162 5.65 -20.58 6.96
N VAL A 163 5.20 -19.38 7.35
CA VAL A 163 5.66 -18.13 6.76
C VAL A 163 6.10 -17.21 7.87
N CYS A 164 7.05 -16.31 7.56
CA CYS A 164 7.51 -15.29 8.49
C CYS A 164 6.94 -13.94 8.04
N LEU A 165 6.57 -13.10 9.02
CA LEU A 165 6.04 -11.77 8.76
C LEU A 165 6.99 -10.74 9.38
N PHE A 166 7.56 -9.87 8.55
CA PHE A 166 8.40 -8.77 9.01
C PHE A 166 7.75 -7.46 8.59
N TRP A 167 6.79 -6.99 9.35
CA TRP A 167 6.08 -5.77 8.98
C TRP A 167 6.81 -4.59 9.59
N ASN A 168 7.64 -3.92 8.80
CA ASN A 168 8.44 -2.80 9.26
CA ASN A 168 8.44 -2.80 9.26
C ASN A 168 9.35 -3.21 10.43
N CYS A 169 10.02 -4.35 10.26
CA CYS A 169 11.03 -4.81 11.22
C CYS A 169 12.28 -5.03 10.38
N ASN A 170 13.19 -4.08 10.43
CA ASN A 170 14.36 -4.06 9.54
C ASN A 170 15.42 -4.99 10.10
N VAL A 171 15.72 -6.06 9.38
CA VAL A 171 16.72 -7.02 9.78
C VAL A 171 17.78 -7.09 8.70
N ASP A 172 18.88 -7.78 9.01
CA ASP A 172 20.02 -7.83 8.08
C ASP A 172 19.65 -8.49 6.75
N ARG A 173 18.91 -9.59 6.78
CA ARG A 173 18.46 -10.26 5.58
C ARG A 173 17.22 -11.07 5.89
N TYR A 174 16.22 -10.98 5.03
CA TYR A 174 14.98 -11.69 5.32
C TYR A 174 15.05 -13.13 4.82
N PRO A 175 14.47 -14.09 5.54
CA PRO A 175 14.46 -15.47 5.04
C PRO A 175 13.48 -15.61 3.86
N ALA A 176 13.60 -16.72 3.15
CA ALA A 176 12.89 -16.87 1.89
C ALA A 176 11.39 -17.01 2.10
N ASN A 177 10.98 -17.56 3.24
CA ASN A 177 9.56 -17.74 3.51
C ASN A 177 9.00 -16.54 4.28
N SER A 178 9.05 -15.36 3.65
CA SER A 178 8.72 -14.12 4.36
C SER A 178 7.73 -13.26 3.61
N ILE A 179 6.98 -12.45 4.38
CA ILE A 179 6.20 -11.33 3.89
C ILE A 179 6.74 -10.09 4.59
N VAL A 180 7.11 -9.06 3.81
CA VAL A 180 7.88 -7.93 4.32
C VAL A 180 7.28 -6.62 3.87
N CYS A 181 7.25 -5.65 4.79
CA CYS A 181 7.05 -4.24 4.48
C CYS A 181 8.25 -3.47 5.03
N ARG A 182 8.92 -2.70 4.17
CA ARG A 182 10.11 -1.97 4.53
C ARG A 182 9.94 -0.49 4.23
N PHE A 183 10.43 0.35 5.13
CA PHE A 183 10.34 1.79 4.97
C PHE A 183 11.68 2.33 4.46
N ASP A 184 11.61 3.30 3.54
CA ASP A 184 12.80 3.95 3.01
C ASP A 184 13.02 5.31 3.68
N LYS A 215 19.66 -3.14 -1.08
CA LYS A 215 18.77 -4.13 -1.69
C LYS A 215 19.21 -5.56 -1.39
N SER A 216 20.40 -5.71 -0.81
CA SER A 216 20.89 -7.05 -0.49
C SER A 216 20.06 -7.71 0.60
N ALA A 217 19.33 -6.93 1.41
CA ALA A 217 18.45 -7.54 2.39
C ALA A 217 17.33 -8.35 1.77
N PHE A 218 16.98 -8.10 0.50
CA PHE A 218 15.79 -8.68 -0.10
C PHE A 218 16.09 -9.78 -1.12
N VAL A 219 17.32 -10.30 -1.16
CA VAL A 219 17.71 -11.22 -2.24
C VAL A 219 16.85 -12.46 -2.26
N ASN A 220 16.35 -12.89 -1.11
CA ASN A 220 15.58 -14.14 -1.05
C ASN A 220 14.13 -13.94 -1.49
N LEU A 221 13.71 -12.71 -1.77
CA LEU A 221 12.32 -12.36 -2.00
C LEU A 221 12.15 -11.67 -3.35
N LYS A 222 10.92 -11.34 -3.66
CA LYS A 222 10.56 -10.56 -4.83
C LYS A 222 9.65 -9.40 -4.43
N GLN A 223 9.65 -8.35 -5.24
CA GLN A 223 8.73 -7.25 -4.97
C GLN A 223 7.29 -7.72 -5.11
N LEU A 224 6.43 -7.21 -4.23
CA LEU A 224 5.03 -7.57 -4.29
C LEU A 224 4.30 -6.50 -5.08
N PRO A 225 3.84 -6.80 -6.28
CA PRO A 225 2.99 -5.83 -6.99
C PRO A 225 1.59 -5.72 -6.40
N PHE A 226 0.95 -4.61 -6.74
CA PHE A 226 -0.36 -4.29 -6.19
C PHE A 226 -1.38 -5.34 -6.62
N PHE A 227 -2.27 -5.68 -5.70
CA PHE A 227 -3.50 -6.42 -5.97
C PHE A 227 -4.49 -6.09 -4.89
N TYR A 228 -5.75 -6.38 -5.17
CA TYR A 228 -6.83 -6.27 -4.20
C TYR A 228 -7.57 -7.59 -4.22
N TYR A 229 -7.77 -8.17 -3.02
CA TYR A 229 -8.50 -9.43 -2.91
C TYR A 229 -9.63 -9.27 -1.92
N SER A 230 -10.80 -9.81 -2.26
CA SER A 230 -11.90 -9.80 -1.29
C SER A 230 -12.78 -11.00 -1.54
N ASP A 231 -13.24 -11.59 -0.44
CA ASP A 231 -14.16 -12.71 -0.46
C ASP A 231 -15.51 -12.36 0.16
N SER A 232 -15.76 -11.07 0.40
CA SER A 232 -17.04 -10.68 0.93
C SER A 232 -18.12 -10.74 -0.15
N PRO A 233 -19.39 -10.86 0.26
CA PRO A 233 -20.48 -10.98 -0.74
C PRO A 233 -20.56 -9.78 -1.67
N CYS A 234 -20.84 -10.06 -2.93
CA CYS A 234 -21.05 -9.02 -3.92
C CYS A 234 -22.39 -8.36 -3.72
N GLU A 235 -22.44 -7.06 -4.03
CA GLU A 235 -23.67 -6.28 -3.93
C GLU A 235 -23.64 -5.22 -5.02
N SER A 236 -24.78 -5.02 -5.68
CA SER A 236 -24.98 -3.85 -6.53
C SER A 236 -25.71 -2.80 -5.71
N HIS A 237 -25.86 -1.62 -6.28
CA HIS A 237 -26.55 -0.50 -5.60
C HIS A 237 -26.22 -0.39 -4.10
N VAL A 248 -18.56 4.83 -11.64
CA VAL A 248 -17.91 4.49 -12.91
C VAL A 248 -17.44 3.04 -12.87
N PRO A 249 -17.79 2.26 -13.90
CA PRO A 249 -17.33 0.86 -13.94
C PRO A 249 -15.82 0.75 -13.72
N LEU A 250 -15.43 -0.32 -13.02
CA LEU A 250 -14.04 -0.59 -12.72
C LEU A 250 -13.53 -1.70 -13.64
N LYS A 251 -12.54 -1.37 -14.47
CA LYS A 251 -11.84 -2.35 -15.31
C LYS A 251 -10.42 -2.44 -14.78
N SER A 252 -10.08 -3.59 -14.17
CA SER A 252 -8.76 -3.77 -13.58
C SER A 252 -8.48 -5.25 -13.41
N ALA A 253 -7.36 -5.70 -13.93
CA ALA A 253 -6.97 -7.09 -13.75
C ALA A 253 -6.49 -7.41 -12.34
N THR A 254 -6.32 -6.39 -11.49
CA THR A 254 -5.81 -6.57 -10.13
C THR A 254 -6.92 -6.59 -9.08
N CYS A 255 -8.17 -6.51 -9.50
CA CYS A 255 -9.30 -6.64 -8.58
CA CYS A 255 -9.30 -6.64 -8.59
C CYS A 255 -9.69 -8.11 -8.54
N ILE A 256 -9.20 -8.81 -7.52
CA ILE A 256 -9.37 -10.26 -7.42
C ILE A 256 -10.63 -10.51 -6.59
N THR A 257 -11.76 -10.57 -7.29
CA THR A 257 -13.06 -10.79 -6.66
C THR A 257 -13.89 -11.71 -7.56
N ARG A 258 -14.86 -12.38 -6.95
CA ARG A 258 -15.73 -13.30 -7.70
CA ARG A 258 -15.72 -13.30 -7.69
C ARG A 258 -16.39 -12.59 -8.87
N CYS A 259 -16.81 -11.35 -8.65
CA CYS A 259 -17.49 -10.60 -9.71
C CYS A 259 -16.58 -10.19 -10.85
N ASN A 260 -15.26 -10.28 -10.68
CA ASN A 260 -14.32 -9.95 -11.74
C ASN A 260 -13.89 -11.17 -12.53
N LEU A 261 -14.32 -12.37 -12.12
CA LEU A 261 -14.06 -13.53 -12.98
C LEU A 261 -14.60 -13.30 -14.39
N GLY A 262 -15.74 -12.61 -14.49
CA GLY A 262 -16.35 -12.28 -15.75
C GLY A 262 -16.17 -10.83 -16.17
N GLY A 263 -15.37 -10.07 -15.42
CA GLY A 263 -15.09 -8.70 -15.79
C GLY A 263 -16.19 -7.69 -15.48
N ALA A 264 -17.11 -8.02 -14.58
CA ALA A 264 -18.23 -7.14 -14.26
C ALA A 264 -18.24 -6.91 -12.74
N VAL A 265 -17.30 -6.08 -12.27
CA VAL A 265 -17.15 -5.87 -10.83
C VAL A 265 -18.39 -5.21 -10.28
N CYS A 266 -18.88 -5.71 -9.15
CA CYS A 266 -20.06 -5.13 -8.53
C CYS A 266 -19.71 -3.78 -7.92
N ARG A 267 -20.76 -2.99 -7.66
CA ARG A 267 -20.59 -1.67 -7.06
C ARG A 267 -19.84 -1.74 -5.73
N HIS A 268 -20.17 -2.72 -4.91
CA HIS A 268 -19.55 -2.83 -3.59
C HIS A 268 -18.04 -3.00 -3.70
N HIS A 269 -17.58 -3.92 -4.54
CA HIS A 269 -16.16 -4.18 -4.64
C HIS A 269 -15.44 -3.09 -5.40
N ALA A 270 -16.12 -2.47 -6.38
CA ALA A 270 -15.53 -1.30 -7.00
C ALA A 270 -15.21 -0.23 -5.97
N ASN A 271 -16.15 0.03 -5.07
CA ASN A 271 -15.91 1.03 -4.04
C ASN A 271 -14.78 0.61 -3.11
N GLU A 272 -14.80 -0.64 -2.66
CA GLU A 272 -13.75 -1.11 -1.75
C GLU A 272 -12.39 -1.17 -2.42
N TYR A 273 -12.35 -1.48 -3.71
CA TYR A 273 -11.10 -1.48 -4.44
C TYR A 273 -10.52 -0.06 -4.49
N ARG A 274 -11.35 0.92 -4.81
CA ARG A 274 -10.85 2.30 -4.88
C ARG A 274 -10.38 2.78 -3.52
N LEU A 275 -11.13 2.46 -2.46
CA LEU A 275 -10.68 2.85 -1.13
C LEU A 275 -9.36 2.18 -0.78
N TYR A 276 -9.20 0.91 -1.17
CA TYR A 276 -7.95 0.22 -0.86
C TYR A 276 -6.79 0.78 -1.66
N LEU A 277 -7.02 1.11 -2.92
CA LEU A 277 -5.96 1.70 -3.74
C LEU A 277 -5.51 3.05 -3.16
N ASP A 278 -6.44 3.85 -2.64
CA ASP A 278 -6.06 5.10 -2.02
C ASP A 278 -5.15 4.87 -0.80
N ALA A 279 -5.49 3.88 0.03
CA ALA A 279 -4.62 3.54 1.16
C ALA A 279 -3.27 3.03 0.70
N TYR A 280 -3.27 2.18 -0.34
CA TYR A 280 -2.02 1.68 -0.87
C TYR A 280 -1.15 2.82 -1.38
N ASN A 281 -1.75 3.74 -2.13
CA ASN A 281 -0.97 4.85 -2.65
C ASN A 281 -0.40 5.71 -1.53
N MET A 282 -1.16 5.87 -0.46
CA MET A 282 -0.67 6.69 0.64
C MET A 282 0.54 6.03 1.29
N MET A 283 0.54 4.70 1.39
CA MET A 283 1.66 3.99 1.99
C MET A 283 2.88 4.03 1.08
N ILE A 284 2.70 3.74 -0.23
CA ILE A 284 3.82 3.79 -1.15
C ILE A 284 4.35 5.22 -1.31
N SER A 285 3.46 6.20 -1.33
CA SER A 285 3.90 7.59 -1.41
C SER A 285 4.76 7.98 -0.23
N ALA A 286 4.55 7.36 0.93
CA ALA A 286 5.28 7.69 2.14
C ALA A 286 6.63 6.98 2.25
N GLY A 287 6.94 6.06 1.35
CA GLY A 287 8.24 5.44 1.33
C GLY A 287 8.28 3.98 1.73
N PHE A 288 7.11 3.32 1.88
CA PHE A 288 7.09 1.90 2.18
C PHE A 288 7.05 1.07 0.90
N SER A 289 7.69 -0.10 0.94
CA SER A 289 7.66 -1.05 -0.16
C SER A 289 7.39 -2.44 0.37
N LEU A 290 6.76 -3.28 -0.46
N LEU A 290 6.79 -3.30 -0.47
CA LEU A 290 6.41 -4.63 -0.10
CA LEU A 290 6.38 -4.64 -0.07
C LEU A 290 7.32 -5.63 -0.80
C LEU A 290 7.10 -5.72 -0.86
N TRP A 291 7.55 -6.76 -0.14
CA TRP A 291 8.33 -7.86 -0.70
C TRP A 291 7.71 -9.16 -0.20
N VAL A 292 7.89 -10.26 -0.96
CA VAL A 292 7.18 -11.51 -0.66
C VAL A 292 7.98 -12.71 -1.12
N TYR A 293 7.67 -13.85 -0.51
CA TYR A 293 8.27 -15.11 -0.93
C TYR A 293 8.03 -15.31 -2.42
N LYS A 294 9.03 -15.87 -3.09
CA LYS A 294 9.02 -15.86 -4.55
C LYS A 294 7.91 -16.71 -5.16
N GLN A 295 7.32 -17.64 -4.42
CA GLN A 295 6.25 -18.46 -4.97
C GLN A 295 4.87 -17.84 -4.85
N PHE A 296 4.75 -16.66 -4.21
CA PHE A 296 3.46 -16.02 -4.12
C PHE A 296 2.85 -15.87 -5.50
N ASP A 297 1.63 -16.38 -5.65
CA ASP A 297 0.97 -16.44 -6.95
C ASP A 297 -0.47 -15.97 -6.80
N THR A 298 -0.81 -14.86 -7.45
CA THR A 298 -2.19 -14.38 -7.38
C THR A 298 -3.20 -15.33 -8.00
N TYR A 299 -2.77 -16.29 -8.85
CA TYR A 299 -3.73 -17.24 -9.37
C TYR A 299 -4.24 -18.17 -8.27
N ASN A 300 -3.44 -18.37 -7.22
CA ASN A 300 -3.94 -19.13 -6.07
C ASN A 300 -5.10 -18.40 -5.41
N LEU A 301 -5.18 -17.09 -5.57
CA LEU A 301 -6.31 -16.35 -5.02
C LEU A 301 -7.54 -16.52 -5.89
N TRP A 302 -7.38 -16.39 -7.21
CA TRP A 302 -8.51 -16.62 -8.10
C TRP A 302 -9.11 -18.00 -7.86
N ASN A 303 -8.26 -18.99 -7.58
CA ASN A 303 -8.76 -20.34 -7.39
C ASN A 303 -9.57 -20.47 -6.12
N THR A 304 -9.52 -19.49 -5.20
CA THR A 304 -10.40 -19.55 -4.03
C THR A 304 -11.86 -19.40 -4.44
N PHE A 305 -12.13 -18.94 -5.64
CA PHE A 305 -13.48 -18.80 -6.11
C PHE A 305 -13.87 -20.03 -6.96
N SFG B . 5.61 -5.23 13.01
CA SFG B . 5.55 -4.00 13.80
C SFG B . 4.39 -3.13 13.32
O SFG B . 4.11 -2.07 13.92
OXT SFG B . 3.70 -3.46 12.32
CB SFG B . 6.86 -3.20 13.69
CG SFG B . 7.08 -2.33 14.93
CD SFG B . 8.43 -1.62 14.95
NE SFG B . 8.47 -0.74 13.76
C5' SFG B . 9.63 -2.54 14.83
C4' SFG B . 9.65 -3.61 15.95
O4' SFG B . 10.56 -4.54 15.66
C3' SFG B . 10.07 -3.10 17.35
O3' SFG B . 9.09 -3.59 18.26
C2' SFG B . 11.45 -3.66 17.63
O2' SFG B . 11.56 -3.99 19.07
C1' SFG B . 11.51 -4.76 16.96
N9 SFG B . 12.77 -5.14 16.32
C8 SFG B . 13.64 -4.36 15.66
N7 SFG B . 14.63 -5.11 15.20
C5 SFG B . 14.33 -6.38 15.53
C6 SFG B . 15.00 -7.53 15.28
N6 SFG B . 16.22 -7.77 14.58
N1 SFG B . 14.50 -8.68 15.71
C2 SFG B . 13.34 -8.71 16.41
N3 SFG B . 12.69 -7.56 16.67
C4 SFG B . 13.19 -6.39 16.21
HN1 SFG B . 4.97 -5.77 13.28
HN2 SFG B . 5.50 -5.02 12.15
HA SFG B . 5.42 -4.23 14.73
HB1 SFG B . 7.61 -3.83 13.60
HB2 SFG B . 6.82 -2.63 12.91
HG1 SFG B . 7.04 -2.91 15.73
HG2 SFG B . 6.37 -1.67 14.98
HD SFG B . 8.48 -1.16 15.80
HNE1 SFG B . 7.99 -0.01 13.91
HNE2 SFG B . 9.30 -0.52 13.58
H5'1 SFG B . 9.62 -2.99 13.97
H5'2 SFG B . 10.44 -2.01 14.91
H4' SFG B . 8.74 -3.95 16.03
H3' SFG B . 10.14 -2.12 17.39
H2' SFG B . 12.13 -3.03 17.33
HO2' SFG B . 12.14 -3.48 19.43
H1' SFG B . 11.26 -5.41 17.64
H8 SFG B . 13.56 -3.44 15.55
HN61 SFG B . 16.79 -8.35 14.89
HN62 SFG B . 16.42 -7.33 13.87
H2 SFG B . 13.01 -9.52 16.72
ZN ZN C . -18.26 -8.24 -6.16
C1 PEG D . -20.45 2.00 -9.88
O1 PEG D . -20.06 3.35 -10.00
C2 PEG D . -19.28 1.09 -9.79
O2 PEG D . -19.11 0.42 -11.03
C3 PEG D . -19.22 -1.00 -10.93
C4 PEG D . -17.88 -1.63 -11.19
O4 PEG D . -17.80 -2.23 -12.47
H11 PEG D . -20.98 1.75 -10.65
H12 PEG D . -21.00 1.89 -9.08
HO1 PEG D . -19.60 3.63 -9.35
H21 PEG D . -19.43 0.43 -9.09
H22 PEG D . -18.49 1.60 -9.59
H31 PEG D . -19.86 -1.32 -11.60
H32 PEG D . -19.54 -1.24 -10.05
H41 PEG D . -17.72 -2.31 -10.51
H42 PEG D . -17.20 -0.94 -11.11
HO4 PEG D . -18.40 -2.81 -12.62
C1 EOH E . 5.24 -17.41 21.08
C2 EOH E . 4.01 -16.51 20.84
O EOH E . 6.35 -17.09 20.26
H11 EOH E . 5.53 -17.32 22.12
H12 EOH E . 4.95 -18.44 20.91
H21 EOH E . 4.34 -15.50 20.58
H22 EOH E . 3.40 -16.46 21.73
H23 EOH E . 3.42 -16.91 20.01
HO EOH E . 6.79 -17.92 20.00
C MOH F . 9.74 -19.76 0.87
O MOH F . 8.39 -20.07 1.23
H1 MOH F . 9.76 -19.02 0.25
H2 MOH F . 10.26 -19.53 1.66
H3 MOH F . 10.08 -20.56 0.47
HO MOH F . 8.00 -19.33 1.37
C MOH G . 5.22 -22.35 -0.17
O MOH G . 3.84 -22.34 -0.50
H1 MOH G . 5.42 -21.70 0.52
H2 MOH G . 5.77 -22.17 -0.94
H3 MOH G . 5.39 -23.25 0.16
HO MOH G . 3.48 -21.72 -0.05
C MOH H . -8.09 -14.01 -14.80
O MOH H . -9.49 -14.01 -14.58
H1 MOH H . -7.64 -13.41 -14.20
H2 MOH H . -7.89 -13.76 -15.72
H3 MOH H . -7.81 -14.93 -14.63
HO MOH H . -9.62 -14.32 -13.79
C MOH I . 2.11 -13.39 -8.07
O MOH I . 1.28 -13.12 -9.19
H1 MOH I . 2.47 -12.59 -7.68
H2 MOH I . 2.83 -13.98 -8.33
H3 MOH I . 1.53 -13.83 -7.43
HO MOH I . 1.06 -12.29 -9.13
C MOH J . -10.46 -7.96 1.70
O MOH J . -9.74 -9.17 1.81
H1 MOH J . -9.85 -7.22 1.54
H2 MOH J . -10.98 -7.81 2.50
H3 MOH J . -11.05 -8.07 0.94
HO MOH J . -8.91 -9.00 1.66
#